data_7KFR
#
_entry.id   7KFR
#
_cell.length_a   1.00
_cell.length_b   1.00
_cell.length_c   1.00
_cell.angle_alpha   90.00
_cell.angle_beta   90.00
_cell.angle_gamma   90.00
#
_symmetry.space_group_name_H-M   'P 1'
#
loop_
_entity.id
_entity.type
_entity.pdbx_description
1 polymer 'Capsid protein VP1'
2 non-polymer 'MAGNESIUM ION'
3 water water
#
_entity_poly.entity_id   1
_entity_poly.type   'polypeptide(L)'
_entity_poly.pdbx_seq_one_letter_code
;GADGVGNSSGNWHCDSTWMGDRVITTSTRTWALPTYNNHLYKQISNSTSGGSSNDNAYFGYSTPWGYFDFNRFHCHFSPR
DWQRLINNNWGFRPKRLSFKLFNIQVKEVTQNEGTKTIANNLTSTIQVFTDSEYQLPYVLGSAHQGCLPPFPADVFMIPQ
YGYLTLNNGSQAVGRSSFYCLEYFPSQMLRTGNNFQFTYTFEDVPFHSSYAHSQSLDRLMNPLIDQYLYYLSRTQTTGGT
TNTQTLGFSQGGPNTMANQAKNWLPGPCYRQQRVSKTSADNNNSEYSWTGATKYHLNGRDSLVNPGPAMASHKDDEEKFF
PQSGVLIFGKQGSEKTNVDIEKVMITDEEEIRTTNPVATEQYGSVSTNLQRGNRQAATADVNTQGVLPGMVWQDRDVYLQ
GPIWAKIPHTDGHFHPSPLMGGFGLKHPPPQILIKNTPVPADPPTTFNQSKLNSFITQYSTGQVSVEIEWELQKENSKRW
NPEIQYTSNYYKSTSVDFAVNTEGVYSEPRPIGTRYLTRNL
;
_entity_poly.pdbx_strand_id   A
#
loop_
_chem_comp.id
_chem_comp.type
_chem_comp.name
_chem_comp.formula
MG non-polymer 'MAGNESIUM ION' 'Mg 2'
#
# COMPACT_ATOMS: atom_id res chain seq x y z
N GLY A 1 20.23 -7.52 -25.00
CA GLY A 1 21.68 -7.92 -25.03
C GLY A 1 21.91 -9.45 -25.03
N ALA A 2 22.98 -9.82 -25.81
CA ALA A 2 23.49 -11.21 -26.03
C ALA A 2 25.05 -11.20 -26.12
N ASP A 3 25.73 -12.06 -25.27
CA ASP A 3 27.23 -12.20 -25.20
C ASP A 3 27.66 -13.66 -24.70
N GLY A 4 29.00 -13.85 -24.37
CA GLY A 4 29.58 -15.16 -23.87
C GLY A 4 29.50 -15.42 -22.34
N VAL A 5 29.98 -16.65 -21.92
CA VAL A 5 30.03 -17.16 -20.50
C VAL A 5 30.98 -16.32 -19.53
N GLY A 6 32.10 -15.80 -20.07
CA GLY A 6 33.11 -15.04 -19.29
C GLY A 6 32.97 -13.54 -19.30
N ASN A 7 31.87 -13.03 -19.89
CA ASN A 7 31.61 -11.59 -20.02
C ASN A 7 30.39 -11.23 -19.17
N SER A 8 30.56 -10.19 -18.31
CA SER A 8 29.46 -9.66 -17.49
C SER A 8 28.42 -8.97 -18.44
N SER A 9 27.12 -9.22 -18.18
CA SER A 9 26.02 -8.65 -19.00
C SER A 9 25.39 -7.35 -18.41
N GLY A 10 26.02 -6.82 -17.34
CA GLY A 10 25.58 -5.56 -16.76
C GLY A 10 26.40 -5.16 -15.55
N ASN A 11 26.23 -3.87 -15.20
CA ASN A 11 26.91 -3.25 -14.06
C ASN A 11 25.92 -2.88 -12.94
N TRP A 12 26.49 -2.63 -11.71
CA TRP A 12 25.74 -2.25 -10.51
C TRP A 12 25.41 -0.76 -10.53
N HIS A 13 24.09 -0.50 -10.57
CA HIS A 13 23.56 0.87 -10.60
C HIS A 13 22.53 1.11 -9.47
N CYS A 14 23.08 1.70 -8.44
CA CYS A 14 22.36 2.13 -7.24
C CYS A 14 22.82 3.56 -6.96
N ASP A 15 21.84 4.50 -6.90
CA ASP A 15 22.03 5.99 -6.63
C ASP A 15 20.74 6.74 -7.04
N SER A 16 20.62 7.96 -6.51
CA SER A 16 19.55 8.89 -6.85
C SER A 16 20.19 10.14 -7.46
N THR A 17 19.50 10.69 -8.43
CA THR A 17 19.92 11.90 -9.11
C THR A 17 18.75 12.89 -9.05
N TRP A 18 19.06 14.04 -8.41
CA TRP A 18 18.13 15.15 -8.21
C TRP A 18 18.48 16.27 -9.19
N MET A 19 17.48 16.60 -9.98
CA MET A 19 17.53 17.66 -11.01
C MET A 19 16.46 18.72 -10.69
N GLY A 20 16.19 19.62 -11.65
CA GLY A 20 15.14 20.62 -11.50
C GLY A 20 13.77 20.02 -11.84
N ASP A 21 13.01 19.73 -10.75
CA ASP A 21 11.62 19.16 -10.74
C ASP A 21 11.57 17.60 -10.92
N ARG A 22 12.74 16.94 -11.01
CA ARG A 22 12.81 15.48 -11.18
C ARG A 22 13.82 14.84 -10.24
N VAL A 23 13.52 13.58 -9.88
CA VAL A 23 14.45 12.76 -9.18
C VAL A 23 14.39 11.40 -9.87
N ILE A 24 15.57 10.88 -10.13
CA ILE A 24 15.72 9.55 -10.70
C ILE A 24 16.35 8.67 -9.64
N THR A 25 15.58 7.65 -9.28
CA THR A 25 16.02 6.62 -8.33
C THR A 25 16.46 5.39 -9.13
N THR A 26 17.50 4.75 -8.66
CA THR A 26 18.02 3.51 -9.28
C THR A 26 18.41 2.57 -8.15
N SER A 27 17.91 1.34 -8.29
CA SER A 27 18.14 0.28 -7.33
CA SER A 27 18.42 0.31 -7.16
C SER A 27 18.60 -0.98 -8.06
N THR A 28 19.64 -1.59 -7.53
CA THR A 28 20.16 -2.86 -8.01
C THR A 28 20.16 -3.79 -6.81
N ARG A 29 19.74 -5.05 -7.05
CA ARG A 29 19.75 -6.07 -6.05
C ARG A 29 20.14 -7.42 -6.65
N THR A 30 20.51 -8.35 -5.77
CA THR A 30 20.79 -9.73 -6.16
C THR A 30 19.61 -10.57 -5.66
N TRP A 31 19.13 -11.41 -6.58
CA TRP A 31 18.02 -12.30 -6.32
C TRP A 31 18.42 -13.76 -6.57
N ALA A 32 17.58 -14.63 -6.00
CA ALA A 32 17.66 -16.07 -6.21
C ALA A 32 16.25 -16.57 -6.50
N LEU A 33 16.18 -17.47 -7.50
CA LEU A 33 14.93 -18.03 -7.92
C LEU A 33 14.96 -19.57 -7.85
N PRO A 34 14.17 -20.21 -6.97
CA PRO A 34 14.10 -21.67 -6.97
C PRO A 34 13.14 -22.13 -8.08
N THR A 35 13.11 -23.42 -8.27
CA THR A 35 12.09 -24.04 -9.05
C THR A 35 10.90 -24.11 -8.05
N TYR A 36 9.75 -23.62 -8.49
CA TYR A 36 8.56 -23.66 -7.70
C TYR A 36 7.64 -24.74 -8.20
N ASN A 37 6.95 -25.39 -7.23
CA ASN A 37 5.89 -26.46 -7.50
C ASN A 37 6.38 -27.65 -8.31
N ASN A 38 7.71 -27.90 -8.28
CA ASN A 38 8.37 -28.95 -9.10
C ASN A 38 7.92 -28.88 -10.59
N HIS A 39 7.82 -27.60 -11.08
CA HIS A 39 7.51 -27.21 -12.48
C HIS A 39 6.01 -27.30 -12.84
N LEU A 40 5.18 -27.62 -11.85
CA LEU A 40 3.75 -27.82 -12.07
C LEU A 40 2.88 -26.63 -11.72
N TYR A 41 1.74 -26.63 -12.36
CA TYR A 41 0.59 -25.78 -12.02
C TYR A 41 -0.30 -26.62 -11.15
N LYS A 42 -0.81 -26.05 -10.07
CA LYS A 42 -1.67 -26.80 -9.17
C LYS A 42 -2.91 -26.01 -8.80
N GLN A 43 -4.04 -26.72 -8.81
CA GLN A 43 -5.27 -26.17 -8.27
C GLN A 43 -5.16 -26.11 -6.74
N ILE A 44 -5.52 -24.93 -6.21
CA ILE A 44 -5.53 -24.67 -4.80
C ILE A 44 -6.89 -24.12 -4.39
N SER A 45 -7.19 -24.32 -3.12
CA SER A 45 -8.40 -23.82 -2.49
C SER A 45 -8.18 -23.84 -0.98
N ASN A 46 -9.16 -23.28 -0.22
CA ASN A 46 -9.14 -23.30 1.25
C ASN A 46 -9.11 -24.74 1.82
N SER A 47 -9.70 -25.74 1.07
CA SER A 47 -9.66 -27.20 1.44
C SER A 47 -8.22 -27.84 1.20
N THR A 48 -7.38 -27.22 0.27
CA THR A 48 -5.97 -27.68 -0.03
C THR A 48 -4.97 -27.11 1.05
N SER A 49 -5.32 -25.92 1.65
CA SER A 49 -4.51 -25.26 2.73
C SER A 49 -5.02 -25.62 4.18
N GLY A 50 -6.26 -26.24 4.26
CA GLY A 50 -6.90 -26.66 5.52
C GLY A 50 -8.43 -26.51 5.45
N GLY A 51 -8.89 -25.21 5.60
CA GLY A 51 -10.34 -24.85 5.55
C GLY A 51 -10.95 -24.64 6.94
N SER A 52 -11.62 -23.45 7.11
CA SER A 52 -12.24 -23.06 8.42
C SER A 52 -13.63 -22.34 8.24
N SER A 53 -13.63 -21.14 7.54
CA SER A 53 -14.84 -20.31 7.35
C SER A 53 -15.07 -19.90 5.89
N ASN A 54 -16.38 -19.62 5.56
CA ASN A 54 -16.79 -19.15 4.23
C ASN A 54 -16.17 -17.76 3.90
N ASP A 55 -15.91 -16.93 4.95
CA ASP A 55 -15.31 -15.60 4.77
C ASP A 55 -13.89 -15.65 4.17
N ASN A 56 -13.23 -16.81 4.43
CA ASN A 56 -11.84 -17.06 3.99
C ASN A 56 -11.70 -18.07 2.84
N ALA A 57 -12.84 -18.55 2.29
CA ALA A 57 -12.81 -19.54 1.20
C ALA A 57 -12.29 -18.98 -0.12
N TYR A 58 -11.57 -19.83 -0.89
CA TYR A 58 -11.03 -19.40 -2.17
C TYR A 58 -10.81 -20.59 -3.08
N PHE A 59 -10.58 -20.23 -4.33
CA PHE A 59 -10.21 -21.13 -5.40
C PHE A 59 -9.26 -20.41 -6.34
N GLY A 60 -8.19 -21.13 -6.71
CA GLY A 60 -7.26 -20.60 -7.64
C GLY A 60 -6.22 -21.61 -8.01
N TYR A 61 -5.08 -21.07 -8.44
CA TYR A 61 -3.97 -21.88 -8.91
C TYR A 61 -2.65 -21.32 -8.46
N SER A 62 -1.78 -22.25 -8.12
CA SER A 62 -0.37 -21.96 -7.85
C SER A 62 0.38 -22.29 -9.14
N THR A 63 1.30 -21.42 -9.51
CA THR A 63 2.04 -21.60 -10.73
C THR A 63 3.51 -21.86 -10.43
N PRO A 64 4.28 -22.39 -11.41
CA PRO A 64 5.73 -22.56 -11.21
C PRO A 64 6.59 -21.27 -11.48
N TRP A 65 5.91 -20.16 -11.66
CA TRP A 65 6.55 -18.89 -11.93
C TRP A 65 6.70 -18.05 -10.67
N GLY A 66 7.76 -17.26 -10.73
CA GLY A 66 8.01 -16.25 -9.75
C GLY A 66 7.76 -14.91 -10.41
N TYR A 67 7.80 -13.86 -9.61
CA TYR A 67 7.59 -12.53 -10.15
C TYR A 67 8.37 -11.49 -9.34
N PHE A 68 8.59 -10.35 -10.00
CA PHE A 68 9.25 -9.20 -9.40
C PHE A 68 8.30 -8.19 -8.83
N ASP A 69 8.62 -7.80 -7.60
CA ASP A 69 7.84 -6.82 -6.85
C ASP A 69 8.78 -5.74 -6.32
N PHE A 70 8.54 -4.54 -6.77
CA PHE A 70 9.26 -3.35 -6.29
C PHE A 70 8.24 -2.22 -6.02
N ASN A 71 7.07 -2.64 -5.62
CA ASN A 71 5.97 -1.74 -5.34
C ASN A 71 5.97 -1.26 -3.87
N ARG A 72 7.12 -0.79 -3.42
CA ARG A 72 7.31 -0.21 -2.09
C ARG A 72 8.29 0.94 -2.24
N PHE A 73 8.06 2.07 -1.56
CA PHE A 73 8.93 3.21 -1.79
C PHE A 73 10.40 2.96 -1.39
N HIS A 74 10.61 2.13 -0.39
CA HIS A 74 11.95 1.83 0.08
C HIS A 74 12.77 0.94 -0.87
N CYS A 75 12.15 0.45 -1.95
CA CYS A 75 12.91 -0.29 -2.95
C CYS A 75 13.70 0.72 -3.83
N HIS A 76 13.30 2.03 -3.75
CA HIS A 76 13.82 3.08 -4.62
C HIS A 76 14.48 4.23 -3.86
N PHE A 77 13.93 4.58 -2.70
CA PHE A 77 14.45 5.68 -1.92
C PHE A 77 15.15 5.20 -0.70
N SER A 78 16.40 5.67 -0.56
CA SER A 78 17.13 5.50 0.64
C SER A 78 16.40 6.39 1.71
N PRO A 79 16.58 6.16 3.01
CA PRO A 79 15.95 7.01 4.02
C PRO A 79 16.36 8.51 3.87
N ARG A 80 17.65 8.74 3.54
CA ARG A 80 18.12 10.08 3.33
C ARG A 80 17.43 10.76 2.13
N ASP A 81 17.25 9.97 1.04
CA ASP A 81 16.58 10.49 -0.13
C ASP A 81 15.09 10.76 0.16
N TRP A 82 14.49 9.92 0.99
CA TRP A 82 13.10 10.10 1.41
C TRP A 82 12.97 11.42 2.20
N GLN A 83 13.96 11.65 3.08
CA GLN A 83 13.99 12.88 3.86
C GLN A 83 14.09 14.10 2.94
N ARG A 84 14.96 14.02 1.93
CA ARG A 84 15.13 15.11 0.96
C ARG A 84 13.83 15.39 0.19
N LEU A 85 13.11 14.32 -0.10
CA LEU A 85 11.84 14.41 -0.79
C LEU A 85 10.77 15.15 0.04
N ILE A 86 10.55 14.66 1.23
CA ILE A 86 9.44 15.11 2.11
C ILE A 86 9.69 16.46 2.77
N ASN A 87 10.96 16.83 2.93
CA ASN A 87 11.22 18.11 3.57
C ASN A 87 11.18 19.26 2.59
N ASN A 88 11.16 19.00 1.28
CA ASN A 88 11.35 20.03 0.30
C ASN A 88 10.31 20.09 -0.82
N ASN A 89 9.36 19.16 -0.81
CA ASN A 89 8.40 19.11 -1.89
C ASN A 89 7.00 18.97 -1.40
N TRP A 90 6.12 19.59 -2.14
CA TRP A 90 4.69 19.52 -1.86
C TRP A 90 3.99 18.37 -2.58
N GLY A 91 4.66 17.78 -3.54
CA GLY A 91 4.10 16.66 -4.24
C GLY A 91 5.09 15.97 -5.11
N PHE A 92 4.71 14.75 -5.50
CA PHE A 92 5.53 13.95 -6.40
C PHE A 92 4.63 12.90 -7.04
N ARG A 93 5.12 12.39 -8.15
CA ARG A 93 4.47 11.35 -8.87
C ARG A 93 5.49 10.61 -9.73
N PRO A 94 5.24 9.28 -10.00
CA PRO A 94 6.13 8.55 -10.91
C PRO A 94 5.86 8.90 -12.39
N LYS A 95 6.94 8.90 -13.19
CA LYS A 95 6.86 9.24 -14.62
C LYS A 95 7.23 8.10 -15.53
N ARG A 96 8.38 7.47 -15.25
CA ARG A 96 8.86 6.37 -16.09
C ARG A 96 9.66 5.39 -15.26
N LEU A 97 9.77 4.19 -15.83
CA LEU A 97 10.45 3.06 -15.23
C LEU A 97 11.31 2.34 -16.30
N SER A 98 12.46 1.87 -15.84
CA SER A 98 13.34 1.02 -16.63
C SER A 98 13.72 -0.15 -15.70
N PHE A 99 13.62 -1.35 -16.24
CA PHE A 99 13.88 -2.57 -15.52
C PHE A 99 14.87 -3.43 -16.31
N LYS A 100 15.87 -3.98 -15.58
CA LYS A 100 16.88 -4.83 -16.20
C LYS A 100 17.16 -6.05 -15.35
N LEU A 101 17.38 -7.19 -16.06
CA LEU A 101 17.85 -8.41 -15.47
C LEU A 101 19.09 -8.79 -16.17
N PHE A 102 20.10 -9.09 -15.39
CA PHE A 102 21.43 -9.38 -15.93
C PHE A 102 22.25 -10.21 -14.98
N ASN A 103 23.45 -10.59 -15.48
CA ASN A 103 24.38 -11.47 -14.79
C ASN A 103 23.71 -12.74 -14.25
N ILE A 104 22.91 -13.32 -15.16
CA ILE A 104 22.17 -14.52 -14.92
C ILE A 104 23.12 -15.70 -14.76
N GLN A 105 22.87 -16.43 -13.69
CA GLN A 105 23.57 -17.65 -13.38
C GLN A 105 22.54 -18.74 -13.07
N VAL A 106 22.67 -19.86 -13.80
CA VAL A 106 21.83 -21.04 -13.58
C VAL A 106 22.72 -22.11 -12.99
N LYS A 107 22.29 -22.57 -11.84
CA LYS A 107 23.01 -23.52 -11.04
C LYS A 107 22.26 -24.86 -10.90
N GLU A 108 23.04 -25.94 -11.05
CA GLU A 108 22.61 -27.34 -10.88
C GLU A 108 23.07 -27.81 -9.48
N VAL A 109 22.15 -28.44 -8.80
CA VAL A 109 22.35 -29.00 -7.44
C VAL A 109 22.24 -30.55 -7.52
N THR A 110 23.31 -31.20 -7.02
CA THR A 110 23.41 -32.69 -6.96
C THR A 110 23.44 -33.15 -5.49
N GLN A 111 22.43 -33.99 -5.12
CA GLN A 111 22.26 -34.54 -3.75
C GLN A 111 22.47 -36.06 -3.74
N ASN A 112 23.74 -36.45 -3.50
CA ASN A 112 24.16 -37.89 -3.39
C ASN A 112 25.03 -38.07 -2.13
N GLU A 113 24.84 -39.24 -1.39
CA GLU A 113 25.60 -39.67 -0.12
C GLU A 113 25.73 -38.57 1.02
N GLY A 114 24.73 -37.60 1.07
CA GLY A 114 24.74 -36.49 2.05
C GLY A 114 25.56 -35.25 1.59
N THR A 115 26.43 -35.48 0.53
CA THR A 115 27.30 -34.46 -0.11
C THR A 115 26.42 -33.44 -0.90
N LYS A 116 26.73 -32.15 -0.65
CA LYS A 116 26.09 -31.01 -1.28
C LYS A 116 27.02 -30.39 -2.35
N THR A 117 26.67 -30.68 -3.62
CA THR A 117 27.42 -30.16 -4.77
C THR A 117 26.52 -29.20 -5.59
N ILE A 118 27.08 -27.98 -5.77
CA ILE A 118 26.50 -26.91 -6.59
C ILE A 118 27.53 -26.60 -7.68
N ALA A 119 27.03 -26.72 -8.90
CA ALA A 119 27.79 -26.48 -10.12
C ALA A 119 27.00 -25.57 -11.05
N ASN A 120 27.73 -24.89 -11.93
CA ASN A 120 27.17 -24.06 -12.97
C ASN A 120 26.66 -24.93 -14.12
N ASN A 121 25.42 -24.65 -14.55
CA ASN A 121 24.81 -25.29 -15.72
C ASN A 121 24.74 -24.17 -16.74
N LEU A 122 25.85 -24.08 -17.47
CA LEU A 122 26.11 -23.01 -18.48
C LEU A 122 25.15 -22.96 -19.66
N THR A 123 24.48 -24.11 -19.91
CA THR A 123 23.56 -24.25 -21.04
C THR A 123 22.07 -24.18 -20.69
N SER A 124 21.74 -23.98 -19.42
CA SER A 124 20.34 -23.87 -18.99
C SER A 124 19.77 -22.44 -19.08
N THR A 125 18.46 -22.35 -19.27
CA THR A 125 17.77 -21.08 -19.42
C THR A 125 16.77 -20.77 -18.30
N ILE A 126 16.50 -19.49 -18.21
CA ILE A 126 15.38 -18.95 -17.46
C ILE A 126 14.44 -18.34 -18.52
N GLN A 127 13.20 -18.16 -18.16
CA GLN A 127 12.16 -17.56 -19.00
C GLN A 127 11.60 -16.33 -18.31
N VAL A 128 11.45 -15.26 -19.07
CA VAL A 128 10.97 -14.00 -18.52
C VAL A 128 10.01 -13.35 -19.50
N PHE A 129 8.91 -12.86 -18.96
CA PHE A 129 8.03 -12.01 -19.73
C PHE A 129 7.31 -11.02 -18.84
N THR A 130 6.77 -10.02 -19.53
CA THR A 130 5.97 -9.00 -18.95
C THR A 130 4.54 -9.17 -19.44
N ASP A 131 3.60 -9.06 -18.51
CA ASP A 131 2.18 -9.13 -18.85
C ASP A 131 1.69 -7.67 -19.19
N SER A 132 2.27 -7.17 -20.31
CA SER A 132 2.08 -5.78 -20.83
C SER A 132 0.65 -5.46 -21.32
N GLU A 133 -0.14 -6.53 -21.61
CA GLU A 133 -1.53 -6.41 -22.07
C GLU A 133 -2.56 -6.73 -20.94
N TYR A 134 -2.03 -6.94 -19.67
CA TYR A 134 -2.83 -7.20 -18.41
C TYR A 134 -3.88 -8.33 -18.54
N GLN A 135 -3.37 -9.42 -19.14
CA GLN A 135 -4.14 -10.63 -19.47
C GLN A 135 -4.16 -11.66 -18.30
N LEU A 136 -3.31 -11.42 -17.28
CA LEU A 136 -3.23 -12.24 -16.09
C LEU A 136 -3.73 -11.53 -14.86
N PRO A 137 -4.27 -12.27 -13.81
CA PRO A 137 -4.65 -11.64 -12.52
C PRO A 137 -3.44 -10.85 -11.96
N TYR A 138 -3.70 -9.62 -11.57
CA TYR A 138 -2.70 -8.70 -11.11
C TYR A 138 -2.67 -8.73 -9.60
N VAL A 139 -1.56 -9.27 -9.10
CA VAL A 139 -1.38 -9.49 -7.65
C VAL A 139 -0.51 -8.46 -6.97
N LEU A 140 0.14 -7.58 -7.78
CA LEU A 140 0.90 -6.47 -7.23
C LEU A 140 -0.20 -5.51 -6.74
N GLY A 141 0.01 -4.79 -5.74
CA GLY A 141 -1.11 -3.96 -5.27
C GLY A 141 -1.91 -4.61 -4.12
N SER A 142 -1.47 -5.80 -3.66
CA SER A 142 -2.10 -6.50 -2.54
C SER A 142 -1.16 -6.58 -1.32
N ALA A 143 -0.18 -5.64 -1.27
CA ALA A 143 0.78 -5.48 -0.14
C ALA A 143 1.40 -6.81 0.33
N HIS A 144 1.92 -7.53 -0.65
CA HIS A 144 2.57 -8.80 -0.40
C HIS A 144 4.04 -8.63 -0.14
N GLN A 145 4.54 -9.56 0.65
CA GLN A 145 5.97 -9.74 0.89
C GLN A 145 6.64 -10.17 -0.44
N GLY A 146 7.98 -10.05 -0.55
CA GLY A 146 8.71 -10.48 -1.73
C GLY A 146 9.29 -9.37 -2.56
N CYS A 147 9.25 -8.16 -2.02
CA CYS A 147 9.78 -6.96 -2.67
C CYS A 147 11.31 -6.94 -2.68
N LEU A 148 11.86 -6.06 -3.54
CA LEU A 148 13.27 -5.75 -3.55
C LEU A 148 13.60 -5.21 -2.14
N PRO A 149 14.64 -5.74 -1.43
CA PRO A 149 14.92 -5.30 -0.05
C PRO A 149 15.29 -3.82 0.03
N PRO A 150 14.97 -3.13 1.15
CA PRO A 150 15.33 -1.70 1.26
C PRO A 150 16.87 -1.45 1.30
N PHE A 151 17.61 -2.42 1.90
CA PHE A 151 19.03 -2.35 2.05
C PHE A 151 19.70 -2.99 0.82
N PRO A 152 20.50 -2.22 0.02
CA PRO A 152 21.08 -2.72 -1.23
C PRO A 152 21.95 -3.97 -1.14
N ALA A 153 22.51 -4.23 0.05
CA ALA A 153 23.43 -5.39 0.22
C ALA A 153 22.68 -6.71 0.51
N ASP A 154 21.35 -6.61 0.76
CA ASP A 154 20.51 -7.77 1.06
C ASP A 154 20.08 -8.51 -0.23
N VAL A 155 20.26 -9.81 -0.17
CA VAL A 155 19.93 -10.76 -1.24
C VAL A 155 18.57 -11.38 -0.91
N PHE A 156 17.69 -11.46 -1.93
CA PHE A 156 16.34 -11.89 -1.72
C PHE A 156 15.92 -13.01 -2.67
N MET A 157 14.91 -13.72 -2.21
CA MET A 157 14.32 -14.72 -3.03
C MET A 157 13.06 -14.14 -3.72
N ILE A 158 12.90 -14.55 -4.98
CA ILE A 158 11.80 -14.16 -5.81
CA ILE A 158 11.62 -14.08 -5.71
C ILE A 158 10.54 -14.92 -5.31
N PRO A 159 9.40 -14.21 -5.06
CA PRO A 159 8.14 -14.86 -4.64
C PRO A 159 7.46 -15.64 -5.81
N GLN A 160 6.64 -16.57 -5.40
CA GLN A 160 5.90 -17.45 -6.31
C GLN A 160 4.59 -16.79 -6.71
N TYR A 161 4.29 -16.88 -7.99
CA TYR A 161 3.07 -16.37 -8.53
C TYR A 161 1.93 -17.42 -8.42
N GLY A 162 0.83 -16.93 -7.92
CA GLY A 162 -0.41 -17.68 -7.85
C GLY A 162 -1.52 -16.69 -8.01
N TYR A 163 -2.72 -17.19 -8.29
CA TYR A 163 -3.84 -16.30 -8.51
C TYR A 163 -5.13 -16.94 -8.12
N LEU A 164 -6.12 -16.09 -7.93
CA LEU A 164 -7.45 -16.50 -7.60
C LEU A 164 -8.43 -16.20 -8.67
N THR A 165 -9.43 -17.03 -8.67
CA THR A 165 -10.56 -16.85 -9.58
C THR A 165 -11.85 -16.96 -8.73
N LEU A 166 -13.01 -17.20 -9.34
CA LEU A 166 -14.24 -17.34 -8.58
C LEU A 166 -14.38 -18.68 -7.90
N ASN A 167 -14.97 -18.60 -6.73
CA ASN A 167 -15.26 -19.74 -5.89
C ASN A 167 -16.68 -19.68 -5.30
N ASN A 168 -17.12 -20.88 -4.94
CA ASN A 168 -18.32 -21.17 -4.18
C ASN A 168 -17.82 -22.15 -3.14
N GLY A 169 -17.41 -21.58 -1.97
CA GLY A 169 -16.73 -22.36 -0.93
C GLY A 169 -15.32 -22.70 -1.48
N SER A 170 -14.93 -23.97 -1.39
CA SER A 170 -13.64 -24.45 -1.94
C SER A 170 -13.75 -24.88 -3.44
N GLN A 171 -14.97 -24.74 -4.05
CA GLN A 171 -15.24 -25.17 -5.43
C GLN A 171 -15.18 -24.02 -6.44
N ALA A 172 -14.88 -24.42 -7.70
CA ALA A 172 -14.90 -23.54 -8.85
C ALA A 172 -16.38 -23.37 -9.32
N VAL A 173 -16.59 -22.37 -10.17
CA VAL A 173 -17.90 -22.08 -10.84
C VAL A 173 -17.60 -22.02 -12.35
N GLY A 174 -18.66 -21.94 -13.24
CA GLY A 174 -18.43 -21.94 -14.71
C GLY A 174 -17.65 -20.72 -15.22
N ARG A 175 -17.80 -19.60 -14.47
CA ARG A 175 -17.12 -18.32 -14.79
C ARG A 175 -15.61 -18.34 -14.39
N SER A 176 -15.21 -19.35 -13.52
CA SER A 176 -13.79 -19.55 -13.08
C SER A 176 -12.85 -19.77 -14.29
N SER A 177 -11.74 -19.05 -14.26
CA SER A 177 -10.74 -19.05 -15.29
C SER A 177 -9.46 -19.72 -14.87
N PHE A 178 -8.90 -20.45 -15.84
CA PHE A 178 -7.61 -21.03 -15.71
C PHE A 178 -6.68 -20.42 -16.76
N TYR A 179 -5.53 -19.99 -16.24
CA TYR A 179 -4.46 -19.40 -17.03
C TYR A 179 -3.20 -20.19 -16.93
N CYS A 180 -2.65 -20.43 -18.13
CA CYS A 180 -1.38 -21.06 -18.34
C CYS A 180 -0.42 -19.96 -18.82
N LEU A 181 0.61 -19.73 -18.02
CA LEU A 181 1.62 -18.69 -18.32
C LEU A 181 2.61 -19.06 -19.42
N GLU A 182 2.68 -20.39 -19.74
CA GLU A 182 3.50 -20.89 -20.87
C GLU A 182 2.78 -20.63 -22.19
N TYR A 183 1.47 -20.18 -22.10
CA TYR A 183 0.67 -19.81 -23.27
C TYR A 183 1.01 -18.32 -23.69
N PHE A 184 2.11 -17.81 -23.14
CA PHE A 184 2.61 -16.48 -23.44
C PHE A 184 3.96 -16.53 -24.04
N PRO A 185 4.31 -15.55 -24.98
CA PRO A 185 5.68 -15.47 -25.44
C PRO A 185 6.56 -15.01 -24.26
N SER A 186 7.66 -15.69 -24.07
CA SER A 186 8.64 -15.34 -23.07
C SER A 186 10.03 -15.45 -23.67
N GLN A 187 10.91 -14.56 -23.20
CA GLN A 187 12.30 -14.58 -23.60
C GLN A 187 13.04 -15.68 -22.77
N MET A 188 13.92 -16.41 -23.48
CA MET A 188 14.74 -17.43 -22.88
C MET A 188 16.17 -16.94 -22.78
N LEU A 189 16.68 -16.98 -21.56
CA LEU A 189 18.03 -16.48 -21.22
C LEU A 189 18.93 -17.51 -20.64
N ARG A 190 20.13 -17.56 -21.23
CA ARG A 190 21.24 -18.37 -20.76
C ARG A 190 22.15 -17.35 -19.98
N THR A 191 23.22 -17.85 -19.37
CA THR A 191 24.15 -17.05 -18.55
C THR A 191 24.80 -15.84 -19.23
N GLY A 192 24.81 -15.80 -20.57
CA GLY A 192 25.43 -14.64 -21.27
C GLY A 192 24.42 -13.52 -21.61
N ASN A 193 23.11 -13.82 -21.44
CA ASN A 193 22.01 -12.94 -21.84
C ASN A 193 21.44 -12.06 -20.73
N ASN A 194 20.77 -11.00 -21.17
CA ASN A 194 20.14 -10.04 -20.29
C ASN A 194 18.75 -9.65 -20.84
N PHE A 195 17.96 -9.06 -19.94
CA PHE A 195 16.63 -8.63 -20.21
C PHE A 195 16.43 -7.18 -19.77
N GLN A 196 15.68 -6.46 -20.60
CA GLN A 196 15.36 -5.05 -20.35
C GLN A 196 13.94 -4.76 -20.77
N PHE A 197 13.34 -3.87 -19.99
CA PHE A 197 12.01 -3.40 -20.17
C PHE A 197 11.91 -1.88 -19.76
N THR A 198 11.08 -1.12 -20.50
CA THR A 198 10.80 0.30 -20.22
C THR A 198 9.28 0.49 -20.17
N TYR A 199 8.85 1.41 -19.31
CA TYR A 199 7.47 1.68 -19.11
C TYR A 199 7.31 3.17 -18.78
N THR A 200 6.17 3.70 -19.18
CA THR A 200 5.81 5.08 -18.92
C THR A 200 4.51 5.05 -18.12
N PHE A 201 4.51 5.81 -17.02
CA PHE A 201 3.34 5.95 -16.19
C PHE A 201 2.37 6.93 -16.86
N GLU A 202 1.08 6.59 -16.75
CA GLU A 202 0.00 7.45 -17.23
C GLU A 202 -0.04 8.72 -16.33
N ASP A 203 -0.72 9.78 -16.79
CA ASP A 203 -0.88 11.00 -15.99
C ASP A 203 -1.77 10.69 -14.78
N VAL A 204 -1.14 10.81 -13.61
CA VAL A 204 -1.77 10.54 -12.33
C VAL A 204 -1.61 11.82 -11.47
N PRO A 205 -2.56 12.19 -10.53
CA PRO A 205 -2.35 13.36 -9.68
C PRO A 205 -1.12 13.22 -8.79
N PHE A 206 -0.45 14.33 -8.52
CA PHE A 206 0.65 14.33 -7.56
C PHE A 206 0.13 13.92 -6.20
N HIS A 207 0.96 13.17 -5.48
CA HIS A 207 0.66 12.85 -4.13
C HIS A 207 0.86 14.16 -3.32
N SER A 208 -0.05 14.43 -2.42
CA SER A 208 0.04 15.61 -1.59
C SER A 208 0.94 15.34 -0.35
N SER A 209 2.18 15.80 -0.51
CA SER A 209 3.18 15.64 0.52
C SER A 209 3.28 16.90 1.38
N TYR A 210 2.12 17.22 1.93
CA TYR A 210 1.95 18.35 2.84
C TYR A 210 0.73 18.11 3.71
N ALA A 211 0.68 18.85 4.78
CA ALA A 211 -0.45 18.90 5.70
C ALA A 211 -1.02 20.31 5.59
N HIS A 212 -2.32 20.44 5.88
CA HIS A 212 -2.97 21.73 5.86
C HIS A 212 -2.79 22.47 7.17
N SER A 213 -2.52 23.79 7.02
CA SER A 213 -2.32 24.70 8.18
C SER A 213 -3.60 25.46 8.54
N GLN A 214 -4.69 25.08 7.86
CA GLN A 214 -6.02 25.57 8.11
C GLN A 214 -6.95 24.38 8.14
N SER A 215 -8.02 24.52 8.91
CA SER A 215 -9.08 23.54 8.99
C SER A 215 -10.27 24.08 8.19
N LEU A 216 -11.11 23.17 7.73
CA LEU A 216 -12.25 23.50 6.88
C LEU A 216 -13.30 24.38 7.54
N ASP A 217 -13.39 24.28 8.88
CA ASP A 217 -14.34 25.03 9.68
C ASP A 217 -13.76 26.37 10.17
N ARG A 218 -12.55 26.69 9.71
CA ARG A 218 -11.86 27.93 10.13
C ARG A 218 -11.21 28.67 8.96
N LEU A 219 -12.03 28.88 7.93
CA LEU A 219 -11.59 29.57 6.73
C LEU A 219 -12.06 31.02 6.67
N MET A 220 -12.83 31.41 7.64
CA MET A 220 -13.37 32.77 7.71
C MET A 220 -12.34 33.78 8.21
N ASN A 221 -12.69 35.05 7.97
CA ASN A 221 -11.99 36.17 8.53
C ASN A 221 -12.47 36.26 10.01
N PRO A 222 -11.58 36.09 11.03
CA PRO A 222 -11.96 36.10 12.42
C PRO A 222 -12.31 37.49 13.03
N LEU A 223 -12.28 38.53 12.20
CA LEU A 223 -12.54 39.90 12.67
C LEU A 223 -13.86 40.46 12.22
N ILE A 224 -14.50 39.79 11.26
CA ILE A 224 -15.66 40.34 10.60
C ILE A 224 -16.86 39.42 10.71
N ASP A 225 -18.01 40.02 10.95
CA ASP A 225 -19.28 39.28 11.01
C ASP A 225 -19.75 38.92 9.61
N GLN A 226 -20.60 37.91 9.55
CA GLN A 226 -21.25 37.54 8.29
C GLN A 226 -22.46 38.44 8.09
N TYR A 227 -22.87 38.57 6.82
CA TYR A 227 -24.11 39.32 6.48
C TYR A 227 -25.32 38.40 6.59
N LEU A 228 -25.05 37.08 6.54
CA LEU A 228 -26.06 36.02 6.64
C LEU A 228 -26.45 35.74 8.07
N TYR A 229 -27.68 35.29 8.24
CA TYR A 229 -28.23 34.97 9.53
C TYR A 229 -28.50 33.47 9.67
N TYR A 230 -28.46 33.05 10.93
CA TYR A 230 -28.85 31.70 11.34
C TYR A 230 -29.88 31.84 12.47
N LEU A 231 -30.63 30.77 12.65
CA LEU A 231 -31.60 30.64 13.72
C LEU A 231 -30.85 30.36 15.04
N SER A 232 -30.88 31.36 15.93
CA SER A 232 -30.12 31.35 17.19
C SER A 232 -30.96 31.15 18.45
N ARG A 233 -32.28 31.35 18.31
CA ARG A 233 -33.21 31.23 19.43
C ARG A 233 -34.56 30.72 18.93
N THR A 234 -35.08 29.76 19.72
CA THR A 234 -36.37 29.13 19.45
C THR A 234 -37.34 29.26 20.64
N GLN A 235 -36.78 29.73 21.77
CA GLN A 235 -37.53 29.90 23.04
C GLN A 235 -37.10 31.21 23.72
N THR A 236 -38.10 31.91 24.30
CA THR A 236 -37.89 33.18 25.06
C THR A 236 -37.03 32.91 26.32
N THR A 237 -36.16 33.90 26.62
CA THR A 237 -35.23 33.84 27.77
C THR A 237 -35.65 34.94 28.76
N GLY A 238 -35.76 34.56 30.05
CA GLY A 238 -36.19 35.49 31.12
C GLY A 238 -37.66 35.30 31.45
N GLY A 239 -38.01 35.58 32.73
CA GLY A 239 -39.39 35.42 33.22
C GLY A 239 -39.60 34.05 33.88
N THR A 240 -40.89 33.65 33.98
CA THR A 240 -41.28 32.34 34.61
C THR A 240 -41.88 31.36 33.55
N THR A 241 -42.69 31.95 32.60
CA THR A 241 -43.39 31.23 31.53
C THR A 241 -42.67 31.47 30.16
N ASN A 242 -41.72 30.53 29.85
CA ASN A 242 -40.93 30.54 28.58
C ASN A 242 -41.84 30.01 27.44
N THR A 243 -41.89 30.81 26.36
CA THR A 243 -42.74 30.52 25.17
C THR A 243 -41.88 30.43 23.89
N GLN A 244 -42.52 29.98 22.79
CA GLN A 244 -41.91 29.86 21.46
C GLN A 244 -41.62 31.26 20.86
N THR A 245 -40.43 31.37 20.27
CA THR A 245 -40.00 32.55 19.54
C THR A 245 -39.06 32.13 18.41
N LEU A 246 -38.76 33.08 17.54
CA LEU A 246 -37.78 32.91 16.49
C LEU A 246 -36.86 34.12 16.53
N GLY A 247 -35.60 33.83 16.89
CA GLY A 247 -34.53 34.82 16.93
C GLY A 247 -33.43 34.40 15.99
N PHE A 248 -32.91 35.39 15.28
CA PHE A 248 -31.86 35.20 14.28
C PHE A 248 -30.67 36.07 14.57
N SER A 249 -29.49 35.50 14.31
CA SER A 249 -28.23 36.18 14.50
C SER A 249 -27.29 36.01 13.32
N GLN A 250 -26.34 36.94 13.23
CA GLN A 250 -25.28 36.87 12.26
C GLN A 250 -24.10 36.22 12.94
N GLY A 251 -23.51 35.23 12.25
CA GLY A 251 -22.33 34.57 12.75
C GLY A 251 -21.17 35.53 12.69
N GLY A 252 -20.33 35.38 13.67
CA GLY A 252 -19.20 36.23 13.79
C GLY A 252 -18.06 35.58 14.50
N PRO A 253 -17.03 36.38 14.92
CA PRO A 253 -15.81 35.86 15.58
C PRO A 253 -16.00 34.86 16.75
N ASN A 254 -17.08 35.05 17.53
CA ASN A 254 -17.37 34.21 18.71
C ASN A 254 -18.43 33.10 18.46
N THR A 255 -18.87 32.98 17.19
CA THR A 255 -19.87 31.99 16.78
C THR A 255 -19.48 31.34 15.46
N MET A 256 -18.20 30.92 15.38
CA MET A 256 -17.69 30.32 14.13
C MET A 256 -18.38 29.01 13.79
N ALA A 257 -18.85 28.32 14.84
CA ALA A 257 -19.54 27.02 14.70
C ALA A 257 -20.89 27.17 14.03
N ASN A 258 -21.46 28.40 14.09
CA ASN A 258 -22.78 28.64 13.52
C ASN A 258 -22.73 29.31 12.14
N GLN A 259 -21.55 29.76 11.72
CA GLN A 259 -21.39 30.47 10.47
C GLN A 259 -21.77 29.63 9.25
N ALA A 260 -22.30 30.33 8.25
CA ALA A 260 -22.60 29.74 6.97
C ALA A 260 -21.26 29.44 6.30
N LYS A 261 -21.17 28.23 5.72
CA LYS A 261 -19.94 27.75 5.09
C LYS A 261 -20.27 27.13 3.76
N ASN A 262 -19.25 27.01 2.91
CA ASN A 262 -19.42 26.51 1.56
C ASN A 262 -19.12 25.04 1.35
N TRP A 263 -18.41 24.44 2.30
CA TRP A 263 -17.85 23.10 2.09
C TRP A 263 -18.16 22.18 3.23
N LEU A 264 -17.99 20.89 2.90
CA LEU A 264 -18.21 19.84 3.82
C LEU A 264 -17.00 18.92 3.96
N PRO A 265 -16.78 18.37 5.19
CA PRO A 265 -15.71 17.38 5.37
C PRO A 265 -15.93 16.13 4.52
N GLY A 266 -14.82 15.45 4.24
CA GLY A 266 -14.80 14.28 3.44
C GLY A 266 -15.67 13.15 3.94
N PRO A 267 -15.87 12.09 3.11
CA PRO A 267 -16.74 10.95 3.49
C PRO A 267 -16.20 10.09 4.67
N CYS A 268 -17.13 9.35 5.29
CA CYS A 268 -16.89 8.56 6.50
C CYS A 268 -17.45 7.12 6.38
N TYR A 269 -16.75 6.18 7.06
CA TYR A 269 -17.15 4.75 7.23
C TYR A 269 -16.52 4.35 8.57
N ARG A 270 -17.32 4.56 9.62
CA ARG A 270 -16.85 4.54 11.01
C ARG A 270 -16.20 3.23 11.49
N GLN A 271 -15.06 3.46 12.13
CA GLN A 271 -14.20 2.45 12.72
C GLN A 271 -14.27 2.53 14.23
N GLN A 272 -14.05 1.38 14.85
CA GLN A 272 -13.97 1.26 16.30
C GLN A 272 -12.62 1.85 16.78
N ARG A 273 -12.65 2.44 17.98
CA ARG A 273 -11.49 3.04 18.61
C ARG A 273 -10.85 2.05 19.57
N VAL A 274 -9.54 1.92 19.38
CA VAL A 274 -8.70 1.04 20.19
C VAL A 274 -7.58 1.87 20.78
N SER A 275 -7.38 1.65 22.07
CA SER A 275 -6.29 2.28 22.84
C SER A 275 -5.03 1.42 22.69
N LYS A 276 -3.88 2.11 22.56
CA LYS A 276 -2.56 1.44 22.49
C LYS A 276 -2.18 0.85 23.89
N THR A 277 -2.90 1.36 24.94
CA THR A 277 -2.82 0.92 26.34
C THR A 277 -4.02 -0.05 26.53
N SER A 278 -3.68 -1.37 26.60
CA SER A 278 -4.64 -2.51 26.73
C SER A 278 -5.71 -2.37 27.85
N ALA A 279 -5.30 -1.82 29.03
CA ALA A 279 -6.18 -1.62 30.24
C ALA A 279 -7.43 -0.68 29.99
N ASP A 280 -7.31 0.26 29.00
CA ASP A 280 -8.39 1.23 28.61
C ASP A 280 -9.49 0.58 27.70
N ASN A 281 -9.17 -0.60 27.11
CA ASN A 281 -10.07 -1.33 26.21
C ASN A 281 -10.98 -2.32 26.97
N ASN A 282 -12.07 -2.73 26.30
CA ASN A 282 -13.04 -3.69 26.82
C ASN A 282 -12.41 -5.08 26.90
N ASN A 283 -12.78 -5.83 27.97
CA ASN A 283 -12.31 -7.21 28.16
C ASN A 283 -13.26 -8.24 27.47
N SER A 284 -13.07 -8.31 26.13
CA SER A 284 -13.81 -9.17 25.19
C SER A 284 -12.98 -9.33 23.90
N GLU A 285 -13.38 -10.32 23.05
CA GLU A 285 -12.76 -10.52 21.74
C GLU A 285 -13.65 -9.81 20.69
N TYR A 286 -13.16 -8.62 20.25
CA TYR A 286 -13.90 -7.74 19.29
C TYR A 286 -13.09 -7.45 18.00
N SER A 287 -11.94 -8.15 17.78
CA SER A 287 -11.07 -7.96 16.58
C SER A 287 -11.87 -8.20 15.27
N TRP A 288 -12.85 -9.11 15.37
CA TRP A 288 -13.73 -9.44 14.29
C TRP A 288 -15.17 -8.88 14.52
N THR A 289 -15.79 -9.14 15.70
CA THR A 289 -17.21 -8.73 16.01
C THR A 289 -17.43 -7.20 16.01
N GLY A 290 -16.40 -6.45 16.44
CA GLY A 290 -16.43 -4.98 16.49
C GLY A 290 -15.80 -4.30 15.26
N ALA A 291 -15.39 -5.14 14.28
CA ALA A 291 -14.74 -4.68 13.08
C ALA A 291 -15.74 -4.09 12.04
N THR A 292 -15.21 -3.09 11.32
CA THR A 292 -15.86 -2.42 10.21
C THR A 292 -15.59 -3.32 8.98
N LYS A 293 -16.71 -3.69 8.34
CA LYS A 293 -16.70 -4.65 7.25
C LYS A 293 -17.55 -4.26 6.05
N TYR A 294 -17.21 -4.89 4.91
CA TYR A 294 -18.02 -4.83 3.73
C TYR A 294 -18.52 -6.29 3.51
N HIS A 295 -19.67 -6.39 2.86
CA HIS A 295 -20.30 -7.66 2.60
C HIS A 295 -20.41 -7.83 1.07
N LEU A 296 -19.76 -8.88 0.56
CA LEU A 296 -19.72 -9.16 -0.86
C LEU A 296 -20.00 -10.61 -1.08
N ASN A 297 -21.08 -10.86 -1.83
CA ASN A 297 -21.56 -12.22 -2.19
C ASN A 297 -21.55 -13.23 -0.96
N GLY A 298 -22.16 -12.80 0.12
CA GLY A 298 -22.33 -13.62 1.31
C GLY A 298 -21.16 -13.71 2.27
N ARG A 299 -20.05 -13.03 1.95
CA ARG A 299 -18.90 -13.04 2.84
C ARG A 299 -18.48 -11.63 3.25
N ASP A 300 -17.93 -11.59 4.44
CA ASP A 300 -17.46 -10.37 5.05
C ASP A 300 -15.95 -10.25 4.92
N SER A 301 -15.54 -9.03 4.63
CA SER A 301 -14.15 -8.65 4.55
C SER A 301 -14.02 -7.44 5.47
N LEU A 302 -12.86 -7.35 6.11
CA LEU A 302 -12.52 -6.18 6.88
C LEU A 302 -12.33 -5.00 5.93
N VAL A 303 -12.78 -3.82 6.38
CA VAL A 303 -12.50 -2.57 5.67
C VAL A 303 -11.17 -2.13 6.31
N ASN A 304 -10.13 -2.38 5.55
CA ASN A 304 -8.76 -2.26 6.02
C ASN A 304 -7.81 -1.80 4.90
N PRO A 305 -7.25 -0.54 4.97
CA PRO A 305 -7.51 0.49 6.04
C PRO A 305 -8.79 1.35 5.86
N GLY A 306 -9.40 1.19 4.69
CA GLY A 306 -10.62 1.87 4.34
C GLY A 306 -10.44 3.30 3.93
N PRO A 307 -11.58 4.09 3.86
CA PRO A 307 -11.55 5.53 3.50
C PRO A 307 -10.56 6.32 4.37
N ALA A 308 -9.88 7.30 3.74
CA ALA A 308 -8.92 8.14 4.41
C ALA A 308 -9.63 9.03 5.42
N MET A 309 -9.41 8.63 6.67
CA MET A 309 -9.94 9.37 7.81
C MET A 309 -8.83 9.60 8.77
N ALA A 310 -8.99 10.67 9.56
CA ALA A 310 -7.98 11.01 10.57
C ALA A 310 -8.00 9.99 11.72
N SER A 311 -6.80 9.61 12.18
CA SER A 311 -6.63 8.55 13.21
C SER A 311 -7.25 8.85 14.58
N HIS A 312 -7.18 10.15 14.98
CA HIS A 312 -7.67 10.60 16.26
C HIS A 312 -7.79 12.13 16.25
N LYS A 313 -8.55 12.62 17.21
CA LYS A 313 -8.73 14.05 17.42
C LYS A 313 -7.58 14.57 18.36
N ASP A 314 -7.53 15.90 18.57
CA ASP A 314 -6.53 16.57 19.46
C ASP A 314 -6.38 15.88 20.85
N ASP A 315 -5.08 15.65 21.27
CA ASP A 315 -4.64 15.06 22.61
C ASP A 315 -5.12 13.59 22.87
N GLU A 316 -5.40 12.87 21.75
CA GLU A 316 -5.92 11.47 21.78
C GLU A 316 -5.01 10.52 20.94
N GLU A 317 -3.67 10.79 21.02
CA GLU A 317 -2.56 10.07 20.30
C GLU A 317 -2.48 8.53 20.59
N LYS A 318 -2.96 8.11 21.79
CA LYS A 318 -2.96 6.69 22.24
C LYS A 318 -4.05 5.81 21.53
N PHE A 319 -4.95 6.48 20.79
CA PHE A 319 -6.04 5.79 20.09
C PHE A 319 -5.79 5.71 18.61
N PHE A 320 -6.21 4.58 18.08
CA PHE A 320 -6.14 4.34 16.67
C PHE A 320 -7.43 3.66 16.22
N PRO A 321 -7.82 3.86 14.92
CA PRO A 321 -8.96 3.11 14.38
C PRO A 321 -8.58 1.61 14.17
N GLN A 322 -9.44 0.72 14.67
CA GLN A 322 -9.24 -0.75 14.69
C GLN A 322 -8.54 -1.30 13.41
N SER A 323 -9.11 -1.01 12.22
CA SER A 323 -8.46 -1.37 10.95
C SER A 323 -8.49 -0.20 9.96
N GLY A 324 -8.22 1.01 10.50
CA GLY A 324 -8.25 2.22 9.69
C GLY A 324 -6.92 2.87 9.42
N VAL A 325 -5.83 2.15 9.72
CA VAL A 325 -4.46 2.64 9.52
C VAL A 325 -3.59 1.50 9.07
N LEU A 326 -2.52 1.85 8.34
CA LEU A 326 -1.50 0.90 7.98
C LEU A 326 -0.66 0.58 9.22
N ILE A 327 -0.39 -0.69 9.37
CA ILE A 327 0.41 -1.20 10.49
C ILE A 327 1.55 -2.04 9.90
N PHE A 328 2.76 -1.55 10.15
CA PHE A 328 3.98 -2.20 9.69
C PHE A 328 4.61 -2.97 10.85
N GLY A 329 5.41 -3.96 10.48
CA GLY A 329 6.14 -4.72 11.45
C GLY A 329 7.53 -4.16 11.62
N LYS A 330 8.01 -4.23 12.86
CA LYS A 330 9.41 -3.89 13.17
C LYS A 330 10.25 -5.04 12.61
N GLN A 331 11.55 -4.81 12.41
CA GLN A 331 12.45 -5.84 11.87
C GLN A 331 12.39 -7.16 12.68
N GLY A 332 12.21 -8.26 11.92
CA GLY A 332 12.15 -9.60 12.49
C GLY A 332 10.80 -10.00 13.09
N SER A 333 9.77 -9.07 12.98
CA SER A 333 8.42 -9.29 13.49
CA SER A 333 8.47 -9.38 13.71
C SER A 333 7.79 -10.55 12.83
N GLU A 334 7.22 -11.38 13.69
CA GLU A 334 6.58 -12.66 13.30
C GLU A 334 5.20 -12.40 12.66
N LYS A 335 4.65 -13.46 12.09
CA LYS A 335 3.37 -13.42 11.39
C LYS A 335 2.11 -13.30 12.31
N THR A 336 2.10 -14.02 13.45
CA THR A 336 0.86 -14.19 14.24
C THR A 336 0.96 -13.73 15.69
N ASN A 337 -0.14 -12.96 16.05
CA ASN A 337 -0.47 -12.43 17.41
C ASN A 337 0.72 -11.84 18.17
N VAL A 338 1.43 -10.99 17.43
CA VAL A 338 2.59 -10.27 17.95
C VAL A 338 2.09 -9.11 18.81
N ASP A 339 2.90 -8.75 19.83
CA ASP A 339 2.59 -7.66 20.76
C ASP A 339 2.67 -6.29 20.01
N ILE A 340 2.04 -5.28 20.61
CA ILE A 340 2.03 -3.89 20.08
C ILE A 340 3.50 -3.32 19.85
N GLU A 341 4.43 -3.76 20.71
CA GLU A 341 5.85 -3.33 20.67
C GLU A 341 6.62 -3.90 19.43
N LYS A 342 5.97 -4.85 18.72
CA LYS A 342 6.53 -5.50 17.52
C LYS A 342 6.01 -4.87 16.22
N VAL A 343 5.07 -3.91 16.35
CA VAL A 343 4.47 -3.25 15.22
C VAL A 343 4.61 -1.74 15.31
N MET A 344 4.40 -1.12 14.14
CA MET A 344 4.47 0.32 13.97
C MET A 344 3.16 0.76 13.32
N ILE A 345 2.35 1.35 14.17
CA ILE A 345 1.03 1.85 13.81
C ILE A 345 1.18 3.28 13.29
N THR A 346 0.77 3.45 12.01
CA THR A 346 0.80 4.76 11.34
C THR A 346 -0.27 5.68 11.95
N ASP A 347 -0.01 6.97 11.80
CA ASP A 347 -0.85 8.03 12.35
C ASP A 347 -1.18 9.02 11.22
N GLU A 348 -2.49 9.10 10.92
CA GLU A 348 -3.04 9.98 9.86
C GLU A 348 -3.78 11.20 10.47
N GLU A 349 -3.26 11.70 11.60
CA GLU A 349 -3.87 12.87 12.32
C GLU A 349 -3.86 14.19 11.47
N GLU A 350 -2.86 14.33 10.58
CA GLU A 350 -2.64 15.53 9.72
C GLU A 350 -3.86 15.89 8.81
N ILE A 351 -4.65 14.87 8.45
CA ILE A 351 -5.81 15.10 7.56
C ILE A 351 -7.11 15.48 8.29
N ARG A 352 -7.05 15.64 9.62
CA ARG A 352 -8.20 16.02 10.44
C ARG A 352 -8.70 17.45 10.16
N THR A 353 -7.95 18.16 9.35
CA THR A 353 -8.31 19.51 8.86
C THR A 353 -9.46 19.45 7.84
N THR A 354 -9.58 18.32 7.11
CA THR A 354 -10.64 18.20 6.08
C THR A 354 -11.40 16.88 6.17
N ASN A 355 -10.78 15.88 6.80
CA ASN A 355 -11.35 14.55 6.81
C ASN A 355 -11.85 14.24 8.20
N PRO A 356 -13.03 13.59 8.34
CA PRO A 356 -13.53 13.22 9.65
C PRO A 356 -12.56 12.27 10.39
N VAL A 357 -12.65 12.28 11.70
CA VAL A 357 -11.91 11.34 12.55
C VAL A 357 -12.59 9.96 12.36
N ALA A 358 -11.75 8.96 12.08
CA ALA A 358 -12.17 7.59 11.75
C ALA A 358 -13.10 6.92 12.74
N THR A 359 -12.97 7.34 14.02
CA THR A 359 -13.67 6.72 15.13
C THR A 359 -14.87 7.48 15.68
N GLU A 360 -15.20 8.58 15.03
CA GLU A 360 -16.34 9.37 15.47
C GLU A 360 -17.35 9.49 14.34
N GLN A 361 -18.55 9.92 14.70
CA GLN A 361 -19.62 10.19 13.74
C GLN A 361 -19.19 11.31 12.74
N TYR A 362 -19.76 11.27 11.55
CA TYR A 362 -19.53 12.32 10.59
C TYR A 362 -20.18 13.64 11.07
N GLY A 363 -21.32 13.45 11.70
CA GLY A 363 -22.15 14.53 12.15
C GLY A 363 -23.47 14.02 12.65
N SER A 364 -24.44 14.94 12.65
CA SER A 364 -25.78 14.68 13.17
C SER A 364 -26.80 15.19 12.15
N VAL A 365 -27.85 14.40 11.96
CA VAL A 365 -28.96 14.78 11.09
C VAL A 365 -30.25 14.75 11.88
N SER A 366 -31.24 15.52 11.38
CA SER A 366 -32.58 15.54 11.93
C SER A 366 -33.28 14.24 11.46
N THR A 367 -34.11 13.69 12.34
CA THR A 367 -34.83 12.41 12.06
C THR A 367 -36.36 12.51 12.14
N ASN A 368 -36.87 13.71 12.52
CA ASN A 368 -38.32 13.89 12.70
C ASN A 368 -38.74 15.33 12.30
N LEU A 369 -40.05 15.57 12.47
CA LEU A 369 -40.67 16.86 12.24
C LEU A 369 -41.18 17.37 13.57
N GLN A 370 -40.43 18.35 14.14
CA GLN A 370 -40.79 18.94 15.43
C GLN A 370 -42.09 19.79 15.30
N ARG A 371 -42.83 19.81 16.39
CA ARG A 371 -44.10 20.59 16.54
C ARG A 371 -44.35 20.77 18.05
N GLY A 372 -45.51 21.43 18.42
CA GLY A 372 -45.91 21.65 19.85
C GLY A 372 -45.72 20.44 20.82
N ASN A 373 -46.15 19.22 20.36
CA ASN A 373 -46.09 17.96 21.17
C ASN A 373 -44.85 17.03 20.84
N ARG A 374 -44.04 17.41 19.80
CA ARG A 374 -42.88 16.61 19.36
C ARG A 374 -41.59 17.45 19.36
N GLN A 375 -40.64 17.03 20.21
CA GLN A 375 -39.31 17.67 20.34
C GLN A 375 -38.41 17.25 19.15
N ALA A 376 -37.52 18.18 18.73
CA ALA A 376 -36.54 17.95 17.65
C ALA A 376 -35.57 16.81 18.06
N ALA A 377 -35.50 15.81 17.14
CA ALA A 377 -34.67 14.63 17.31
C ALA A 377 -33.60 14.57 16.21
N THR A 378 -32.40 14.18 16.65
CA THR A 378 -31.22 14.02 15.79
C THR A 378 -30.62 12.63 16.00
N ALA A 379 -29.86 12.18 14.98
CA ALA A 379 -29.13 10.93 15.03
C ALA A 379 -27.75 11.11 14.46
N ASP A 380 -26.82 10.29 14.99
CA ASP A 380 -25.45 10.24 14.53
C ASP A 380 -25.39 9.57 13.13
N VAL A 381 -24.51 10.15 12.33
CA VAL A 381 -24.21 9.67 10.97
C VAL A 381 -22.87 8.96 11.07
N ASN A 382 -22.91 7.63 10.91
CA ASN A 382 -21.70 6.76 11.02
C ASN A 382 -21.15 6.28 9.69
N THR A 383 -21.92 6.56 8.64
CA THR A 383 -21.60 6.28 7.26
C THR A 383 -22.07 7.47 6.48
N GLN A 384 -21.16 8.08 5.77
CA GLN A 384 -21.50 9.20 4.93
C GLN A 384 -20.77 9.10 3.60
N GLY A 385 -21.59 8.78 2.56
CA GLY A 385 -21.14 8.76 1.20
C GLY A 385 -20.92 10.21 0.73
N VAL A 386 -20.33 10.36 -0.43
CA VAL A 386 -19.99 11.70 -0.94
CA VAL A 386 -19.97 11.67 -0.85
C VAL A 386 -21.21 12.57 -1.20
N LEU A 387 -21.02 13.81 -0.84
CA LEU A 387 -22.00 14.86 -1.04
C LEU A 387 -21.37 15.96 -1.84
N PRO A 388 -22.14 16.68 -2.70
CA PRO A 388 -21.60 17.86 -3.37
C PRO A 388 -21.08 18.87 -2.32
N GLY A 389 -19.89 19.38 -2.58
CA GLY A 389 -19.28 20.33 -1.67
C GLY A 389 -18.30 19.71 -0.68
N MET A 390 -18.17 18.36 -0.71
CA MET A 390 -17.20 17.67 0.13
C MET A 390 -15.81 17.77 -0.45
N VAL A 391 -14.88 17.88 0.47
CA VAL A 391 -13.49 17.94 0.15
C VAL A 391 -12.75 17.02 1.08
N TRP A 392 -11.63 16.49 0.62
CA TRP A 392 -10.84 15.58 1.47
C TRP A 392 -9.43 15.43 0.93
N GLN A 393 -8.63 14.82 1.80
CA GLN A 393 -7.29 14.41 1.45
C GLN A 393 -7.23 12.90 1.40
N ASP A 394 -6.39 12.37 0.52
CA ASP A 394 -6.19 10.92 0.46
C ASP A 394 -5.16 10.52 1.50
N ARG A 395 -5.09 9.23 1.74
CA ARG A 395 -4.16 8.65 2.72
C ARG A 395 -2.71 8.96 2.33
N ASP A 396 -1.87 9.12 3.34
CA ASP A 396 -0.49 9.39 3.09
C ASP A 396 0.22 8.12 2.57
N VAL A 397 1.38 8.34 1.99
CA VAL A 397 2.28 7.28 1.60
C VAL A 397 3.44 7.27 2.61
N TYR A 398 4.10 6.12 2.67
CA TYR A 398 5.18 5.87 3.61
C TYR A 398 6.35 5.30 2.89
N LEU A 399 7.54 5.54 3.48
CA LEU A 399 8.76 5.03 2.92
C LEU A 399 8.69 3.47 2.72
N GLN A 400 8.06 2.81 3.68
CA GLN A 400 7.93 1.35 3.69
C GLN A 400 6.56 0.87 3.15
N GLY A 401 5.81 1.81 2.57
CA GLY A 401 4.53 1.48 2.08
C GLY A 401 4.46 1.28 0.58
N PRO A 402 3.25 0.92 0.09
CA PRO A 402 3.06 0.69 -1.35
C PRO A 402 3.07 1.96 -2.21
N ILE A 403 3.39 1.79 -3.46
CA ILE A 403 3.46 2.90 -4.40
C ILE A 403 2.18 3.01 -5.27
N TRP A 404 1.79 1.91 -5.90
CA TRP A 404 0.68 1.93 -6.83
C TRP A 404 -0.22 0.73 -6.62
N ALA A 405 -1.35 0.80 -7.29
CA ALA A 405 -2.28 -0.28 -7.39
C ALA A 405 -2.95 -0.17 -8.75
N LYS A 406 -3.46 -1.32 -9.24
CA LYS A 406 -4.21 -1.39 -10.46
CA LYS A 406 -4.08 -1.16 -10.54
C LYS A 406 -5.67 -1.02 -10.13
N ILE A 407 -6.18 -0.06 -10.88
CA ILE A 407 -7.57 0.28 -10.77
C ILE A 407 -8.34 -0.89 -11.42
N PRO A 408 -9.31 -1.50 -10.68
CA PRO A 408 -10.16 -2.58 -11.22
C PRO A 408 -10.81 -2.16 -12.54
N HIS A 409 -10.82 -3.10 -13.51
CA HIS A 409 -11.40 -2.86 -14.81
C HIS A 409 -12.93 -2.98 -14.62
N THR A 410 -13.53 -1.83 -14.35
CA THR A 410 -14.96 -1.75 -14.04
C THR A 410 -15.57 -0.56 -14.78
N ASP A 411 -16.90 -0.55 -14.79
CA ASP A 411 -17.70 0.52 -15.43
C ASP A 411 -17.62 1.82 -14.62
N GLY A 412 -17.62 1.66 -13.30
CA GLY A 412 -17.54 2.79 -12.41
C GLY A 412 -16.43 2.66 -11.41
N HIS A 413 -15.74 3.76 -11.14
CA HIS A 413 -14.60 3.75 -10.17
C HIS A 413 -14.38 5.15 -9.66
N PHE A 414 -15.08 5.44 -8.56
CA PHE A 414 -15.08 6.76 -7.97
C PHE A 414 -13.79 7.05 -7.20
N HIS A 415 -13.19 8.22 -7.56
CA HIS A 415 -11.92 8.73 -6.97
C HIS A 415 -10.98 7.52 -6.72
N PRO A 416 -10.45 6.92 -7.83
CA PRO A 416 -9.68 5.68 -7.72
C PRO A 416 -8.24 5.78 -7.24
N SER A 417 -8.12 6.40 -6.06
CA SER A 417 -6.91 6.49 -5.31
CA SER A 417 -6.75 6.15 -5.38
C SER A 417 -6.93 5.19 -4.42
N PRO A 418 -5.95 4.27 -4.55
CA PRO A 418 -5.98 3.01 -3.77
C PRO A 418 -6.04 3.30 -2.26
N LEU A 419 -6.90 2.64 -1.56
CA LEU A 419 -7.13 2.92 -0.15
C LEU A 419 -5.96 2.68 0.80
N MET A 420 -5.00 1.84 0.38
CA MET A 420 -3.78 1.63 1.19
C MET A 420 -2.80 2.80 1.04
N GLY A 421 -3.09 3.67 0.05
CA GLY A 421 -2.32 4.84 -0.26
C GLY A 421 -1.53 4.63 -1.53
N GLY A 422 -1.27 5.71 -2.23
CA GLY A 422 -0.50 5.62 -3.43
C GLY A 422 -1.23 6.03 -4.66
N PHE A 423 -0.71 5.54 -5.76
CA PHE A 423 -1.14 5.93 -7.07
C PHE A 423 -2.01 4.86 -7.75
N GLY A 424 -3.22 5.26 -8.16
CA GLY A 424 -4.13 4.35 -8.88
C GLY A 424 -3.91 4.48 -10.37
N LEU A 425 -3.58 3.35 -10.99
CA LEU A 425 -3.29 3.31 -12.39
C LEU A 425 -4.13 2.26 -13.07
N LYS A 426 -4.74 2.65 -14.20
CA LYS A 426 -5.51 1.74 -15.03
C LYS A 426 -4.55 0.76 -15.72
N HIS A 427 -3.36 1.29 -16.08
CA HIS A 427 -2.31 0.54 -16.78
C HIS A 427 -1.02 0.64 -15.94
N PRO A 428 -0.95 -0.10 -14.80
CA PRO A 428 0.21 -0.02 -13.90
C PRO A 428 1.47 -0.72 -14.43
N PRO A 429 2.66 -0.59 -13.75
CA PRO A 429 3.85 -1.35 -14.15
C PRO A 429 3.43 -2.85 -14.29
N PRO A 430 3.65 -3.47 -15.47
CA PRO A 430 3.19 -4.84 -15.63
C PRO A 430 3.94 -5.84 -14.77
N GLN A 431 3.28 -6.94 -14.56
CA GLN A 431 3.86 -8.06 -13.86
C GLN A 431 4.97 -8.65 -14.71
N ILE A 432 6.10 -8.84 -14.05
CA ILE A 432 7.31 -9.40 -14.63
C ILE A 432 7.44 -10.79 -14.00
N LEU A 433 7.22 -11.79 -14.85
CA LEU A 433 7.20 -13.17 -14.48
C LEU A 433 8.44 -13.88 -14.98
N ILE A 434 8.95 -14.73 -14.11
CA ILE A 434 10.20 -15.42 -14.31
C ILE A 434 10.12 -16.88 -13.79
N LYS A 435 10.74 -17.79 -14.55
CA LYS A 435 10.86 -19.15 -14.11
C LYS A 435 12.13 -19.78 -14.68
N ASN A 436 12.54 -20.84 -14.01
CA ASN A 436 13.63 -21.68 -14.46
C ASN A 436 13.01 -22.68 -15.45
N THR A 437 13.59 -22.76 -16.65
CA THR A 437 13.13 -23.72 -17.64
C THR A 437 13.44 -25.16 -17.11
N PRO A 438 12.44 -26.11 -17.12
CA PRO A 438 12.71 -27.48 -16.68
C PRO A 438 13.74 -28.17 -17.62
N VAL A 439 14.65 -28.87 -16.98
CA VAL A 439 15.69 -29.60 -17.65
C VAL A 439 15.47 -31.04 -17.24
N PRO A 440 14.93 -31.90 -18.18
CA PRO A 440 14.73 -33.30 -17.83
C PRO A 440 16.03 -34.02 -17.54
N ALA A 441 15.91 -34.93 -16.59
CA ALA A 441 16.98 -35.85 -16.21
C ALA A 441 16.96 -36.94 -17.32
N ASP A 442 17.81 -37.98 -17.24
CA ASP A 442 17.86 -39.00 -18.31
C ASP A 442 16.50 -39.75 -18.54
N PRO A 443 15.91 -39.65 -19.78
CA PRO A 443 14.68 -40.37 -20.08
C PRO A 443 14.95 -41.89 -20.20
N PRO A 444 13.92 -42.78 -20.13
CA PRO A 444 14.12 -44.24 -20.37
C PRO A 444 14.55 -44.45 -21.87
N THR A 445 15.11 -45.60 -22.18
CA THR A 445 15.58 -45.88 -23.56
C THR A 445 14.51 -46.61 -24.41
N THR A 446 13.33 -46.76 -23.80
CA THR A 446 12.13 -47.28 -24.44
C THR A 446 11.10 -46.18 -24.26
N PHE A 447 10.43 -45.85 -25.36
CA PHE A 447 9.43 -44.84 -25.37
C PHE A 447 8.28 -45.12 -24.37
N ASN A 448 7.93 -44.04 -23.69
CA ASN A 448 6.81 -43.99 -22.78
C ASN A 448 6.14 -42.62 -22.99
N GLN A 449 4.82 -42.68 -23.17
CA GLN A 449 3.97 -41.47 -23.45
C GLN A 449 3.79 -40.50 -22.26
N SER A 450 4.03 -40.99 -21.03
CA SER A 450 3.82 -40.19 -19.82
C SER A 450 4.70 -38.97 -19.82
N LYS A 451 4.15 -37.84 -19.32
CA LYS A 451 4.96 -36.62 -19.19
C LYS A 451 6.15 -36.93 -18.26
N LEU A 452 7.28 -36.30 -18.52
CA LEU A 452 8.47 -36.53 -17.72
C LEU A 452 8.31 -35.84 -16.35
N ASN A 453 8.69 -36.56 -15.29
CA ASN A 453 8.59 -36.04 -13.91
C ASN A 453 9.97 -36.04 -13.17
N SER A 454 11.05 -36.38 -13.91
CA SER A 454 12.42 -36.39 -13.37
C SER A 454 13.24 -35.30 -14.07
N PHE A 455 13.62 -34.33 -13.24
CA PHE A 455 14.32 -33.14 -13.66
C PHE A 455 15.57 -32.96 -12.91
N ILE A 456 16.49 -32.22 -13.55
CA ILE A 456 17.73 -31.82 -12.90
CA ILE A 456 17.73 -31.90 -12.79
C ILE A 456 17.33 -30.67 -11.90
N THR A 457 17.84 -30.77 -10.66
CA THR A 457 17.59 -29.76 -9.61
C THR A 457 18.42 -28.50 -9.95
N GLN A 458 17.71 -27.39 -10.13
CA GLN A 458 18.33 -26.15 -10.50
C GLN A 458 17.68 -24.98 -9.82
N TYR A 459 18.47 -23.91 -9.72
CA TYR A 459 18.00 -22.61 -9.29
C TYR A 459 18.76 -21.58 -10.13
N SER A 460 18.30 -20.33 -10.07
CA SER A 460 18.97 -19.29 -10.75
C SER A 460 19.17 -18.11 -9.81
N THR A 461 20.13 -17.31 -10.22
CA THR A 461 20.49 -16.10 -9.50
C THR A 461 20.98 -15.06 -10.51
N GLY A 462 20.84 -13.80 -10.14
CA GLY A 462 21.31 -12.73 -10.97
C GLY A 462 21.11 -11.42 -10.27
N GLN A 463 21.21 -10.39 -11.03
CA GLN A 463 20.98 -9.02 -10.56
C GLN A 463 19.76 -8.47 -11.26
N VAL A 464 19.13 -7.54 -10.56
CA VAL A 464 18.00 -6.82 -11.06
C VAL A 464 18.23 -5.34 -10.80
N SER A 465 17.90 -4.52 -11.78
CA SER A 465 17.95 -3.07 -11.61
C SER A 465 16.63 -2.45 -11.96
N VAL A 466 16.20 -1.52 -11.14
CA VAL A 466 14.99 -0.78 -11.39
C VAL A 466 15.29 0.73 -11.26
N GLU A 467 14.92 1.46 -12.28
CA GLU A 467 15.10 2.91 -12.34
C GLU A 467 13.72 3.57 -12.52
N ILE A 468 13.40 4.48 -11.58
CA ILE A 468 12.18 5.24 -11.69
C ILE A 468 12.52 6.74 -11.69
N GLU A 469 11.90 7.41 -12.64
CA GLU A 469 11.93 8.88 -12.73
C GLU A 469 10.62 9.40 -12.09
N TRP A 470 10.81 10.35 -11.18
CA TRP A 470 9.73 10.95 -10.45
C TRP A 470 9.72 12.44 -10.70
N GLU A 471 8.52 12.98 -10.81
CA GLU A 471 8.30 14.41 -10.97
C GLU A 471 7.96 15.02 -9.59
N LEU A 472 8.55 16.19 -9.33
CA LEU A 472 8.37 16.88 -8.09
C LEU A 472 7.66 18.22 -8.28
N GLN A 473 6.90 18.53 -7.25
CA GLN A 473 6.23 19.82 -7.10
C GLN A 473 6.96 20.46 -5.89
N LYS A 474 7.86 21.42 -6.18
CA LYS A 474 8.68 22.07 -5.12
C LYS A 474 7.82 22.93 -4.20
N GLU A 475 8.25 22.91 -2.93
CA GLU A 475 7.66 23.74 -1.87
C GLU A 475 8.01 25.24 -2.20
N ASN A 476 6.96 26.07 -2.11
CA ASN A 476 7.03 27.52 -2.32
C ASN A 476 6.35 28.26 -1.09
N SER A 477 6.79 27.86 0.14
CA SER A 477 6.24 28.39 1.42
C SER A 477 6.58 29.90 1.64
N LYS A 478 5.48 30.72 1.61
CA LYS A 478 5.49 32.20 1.91
C LYS A 478 5.25 32.50 3.45
N ARG A 479 5.13 31.42 4.24
CA ARG A 479 5.03 31.44 5.70
C ARG A 479 6.31 32.10 6.26
N TRP A 480 6.15 32.87 7.30
CA TRP A 480 7.24 33.60 7.90
C TRP A 480 8.10 32.73 8.83
N ASN A 481 7.40 31.95 9.63
CA ASN A 481 8.01 31.16 10.67
C ASN A 481 8.52 29.81 10.13
N PRO A 482 9.51 29.14 10.79
CA PRO A 482 9.96 27.83 10.33
C PRO A 482 8.87 26.76 10.38
N GLU A 483 9.06 25.81 9.50
CA GLU A 483 8.17 24.66 9.28
C GLU A 483 8.69 23.45 10.01
N ILE A 484 7.83 22.43 10.03
CA ILE A 484 8.19 21.13 10.54
C ILE A 484 8.95 20.41 9.40
N GLN A 485 9.98 19.69 9.84
CA GLN A 485 10.85 18.92 9.00
C GLN A 485 11.12 17.61 9.66
N TYR A 486 11.32 16.58 8.83
CA TYR A 486 11.72 15.33 9.36
C TYR A 486 13.24 15.44 9.69
N THR A 487 13.56 15.05 10.91
CA THR A 487 14.90 15.10 11.41
C THR A 487 15.27 13.83 12.18
N SER A 488 16.53 13.40 12.02
CA SER A 488 17.06 12.30 12.85
C SER A 488 17.19 12.90 14.28
N ASN A 489 17.16 12.12 15.32
CA ASN A 489 17.31 12.75 16.64
C ASN A 489 18.82 12.97 16.97
N TYR A 490 19.10 14.23 17.43
CA TYR A 490 20.48 14.76 17.78
C TYR A 490 21.27 13.93 18.88
N TYR A 491 20.52 13.37 19.89
CA TYR A 491 21.06 12.63 21.08
C TYR A 491 21.85 11.34 20.74
N LYS A 492 22.68 10.89 21.75
CA LYS A 492 23.50 9.67 21.67
C LYS A 492 22.61 8.39 21.78
N SER A 493 22.97 7.38 20.95
CA SER A 493 22.27 6.08 20.88
CA SER A 493 22.15 6.11 20.69
C SER A 493 23.29 4.95 20.65
N THR A 494 22.92 3.69 21.05
CA THR A 494 23.75 2.45 20.88
C THR A 494 24.00 2.15 19.34
N SER A 495 22.97 2.46 18.53
CA SER A 495 22.96 2.30 17.07
C SER A 495 22.39 3.57 16.42
N VAL A 496 22.76 3.80 15.14
CA VAL A 496 22.17 4.90 14.42
C VAL A 496 20.88 4.34 13.71
N ASP A 497 19.82 5.17 13.70
CA ASP A 497 18.55 4.82 13.05
C ASP A 497 18.77 4.67 11.54
N PHE A 498 18.17 3.62 10.97
CA PHE A 498 18.24 3.27 9.54
C PHE A 498 19.67 2.91 9.09
N ALA A 499 20.22 2.04 9.89
CA ALA A 499 21.56 1.50 9.66
C ALA A 499 21.54 0.05 10.09
N VAL A 500 22.70 -0.56 10.03
CA VAL A 500 22.87 -1.92 10.45
C VAL A 500 23.30 -1.98 11.91
N ASN A 501 22.99 -3.08 12.57
CA ASN A 501 23.45 -3.31 13.93
C ASN A 501 24.82 -4.09 13.89
N THR A 502 25.26 -4.55 15.04
CA THR A 502 26.55 -5.25 15.22
C THR A 502 26.60 -6.62 14.49
N GLU A 503 25.39 -7.16 14.19
CA GLU A 503 25.23 -8.46 13.50
C GLU A 503 24.95 -8.32 11.99
N GLY A 504 24.90 -7.06 11.49
CA GLY A 504 24.70 -6.82 10.09
C GLY A 504 23.26 -6.75 9.64
N VAL A 505 22.33 -6.65 10.59
CA VAL A 505 20.91 -6.57 10.26
C VAL A 505 20.51 -5.10 10.14
N TYR A 506 19.89 -4.82 9.01
CA TYR A 506 19.33 -3.52 8.70
C TYR A 506 17.92 -3.48 9.24
N SER A 507 17.56 -2.32 9.79
CA SER A 507 16.20 -2.10 10.28
C SER A 507 15.75 -0.68 9.96
N GLU A 508 14.42 -0.60 9.80
CA GLU A 508 13.68 0.66 9.60
C GLU A 508 12.93 0.85 10.94
N PRO A 509 13.43 1.73 11.87
CA PRO A 509 12.85 1.85 13.25
C PRO A 509 11.45 2.47 13.40
N ARG A 510 11.00 3.19 12.35
CA ARG A 510 9.72 3.88 12.37
C ARG A 510 9.15 4.04 10.97
N PRO A 511 7.80 4.29 10.83
CA PRO A 511 7.24 4.66 9.54
C PRO A 511 7.58 6.11 9.26
N ILE A 512 7.86 6.43 8.02
CA ILE A 512 8.06 7.80 7.66
C ILE A 512 7.06 8.11 6.57
N GLY A 513 6.18 9.06 6.91
CA GLY A 513 5.19 9.59 6.02
C GLY A 513 5.76 10.69 5.15
N THR A 514 4.88 11.47 4.53
CA THR A 514 5.31 12.53 3.60
C THR A 514 4.79 13.90 3.93
N ARG A 515 4.06 14.02 5.03
CA ARG A 515 3.35 15.28 5.34
C ARG A 515 3.94 16.05 6.52
N TYR A 516 5.04 16.71 6.16
CA TYR A 516 5.80 17.54 7.12
C TYR A 516 5.56 19.01 6.86
N LEU A 517 5.67 19.41 5.59
CA LEU A 517 5.42 20.75 5.11
C LEU A 517 3.93 21.06 5.18
N THR A 518 3.63 22.34 5.22
CA THR A 518 2.24 22.78 5.35
C THR A 518 1.88 23.76 4.30
N ARG A 519 0.57 23.87 4.06
CA ARG A 519 0.01 24.88 3.19
C ARG A 519 -1.40 25.21 3.62
N ASN A 520 -1.86 26.37 3.16
CA ASN A 520 -3.24 26.81 3.44
C ASN A 520 -4.23 26.00 2.61
N LEU A 521 -5.49 26.09 3.04
CA LEU A 521 -6.58 25.38 2.44
C LEU A 521 -7.41 26.23 1.41
MG MG B . 10.50 -3.86 0.90
MG MG C . -4.12 22.04 0.01
MG MG D . -1.45 11.36 16.13
#